data_5VH7
#
_entry.id   5VH7
#
_entity_poly.entity_id   1
_entity_poly.type   'polyribonucleotide'
_entity_poly.pdbx_seq_one_letter_code
;GACCAGCAGCAGGUC
;
_entity_poly.pdbx_strand_id   A,B
#